data_1QIZ
#
_entry.id   1QIZ
#
_cell.length_a   60.810
_cell.length_b   62.050
_cell.length_c   47.650
_cell.angle_alpha   90.00
_cell.angle_beta   110.40
_cell.angle_gamma   90.00
#
_symmetry.space_group_name_H-M   'P 1 21 1'
#
loop_
_entity.id
_entity.type
_entity.pdbx_description
1 polymer 'INSULIN A CHAIN'
2 polymer 'INSULIN B CHAIN'
3 non-polymer RESORCINOL
4 non-polymer 'ZINC ION'
5 non-polymer 'CHLORIDE ION'
6 water water
#
loop_
_entity_poly.entity_id
_entity_poly.type
_entity_poly.pdbx_seq_one_letter_code
_entity_poly.pdbx_strand_id
1 'polypeptide(L)' GIVEQCCTSICSLYQLENYCN A,C,E,G,I,K
2 'polypeptide(L)' FVNQYLCGSHLVEALYLVCGERGFFYTPKT B,D,F,H,J,L
#
# COMPACT_ATOMS: atom_id res chain seq x y z
N GLY A 1 -15.02 -10.87 15.10
CA GLY A 1 -13.76 -11.58 14.73
C GLY A 1 -12.57 -10.63 14.72
N ILE A 2 -11.74 -10.72 13.66
CA ILE A 2 -10.57 -9.84 13.61
C ILE A 2 -10.99 -8.39 13.39
N VAL A 3 -11.97 -8.16 12.52
CA VAL A 3 -12.47 -6.83 12.23
C VAL A 3 -13.13 -6.21 13.44
N GLU A 4 -14.00 -6.95 14.13
CA GLU A 4 -14.60 -6.26 15.26
C GLU A 4 -13.57 -6.01 16.35
N GLN A 5 -12.64 -6.92 16.60
CA GLN A 5 -11.56 -6.68 17.56
C GLN A 5 -10.52 -5.62 17.11
N CYS A 6 -10.10 -5.60 15.84
CA CYS A 6 -9.00 -4.73 15.45
C CYS A 6 -9.37 -3.50 14.63
N CYS A 7 -10.65 -3.33 14.32
CA CYS A 7 -11.03 -2.11 13.61
C CYS A 7 -11.69 -1.17 14.60
N THR A 8 -11.87 -1.61 15.85
CA THR A 8 -12.49 -0.69 16.84
C THR A 8 -11.37 -0.18 17.72
N SER A 9 -10.32 -0.98 17.91
CA SER A 9 -9.15 -0.56 18.66
C SER A 9 -7.91 -1.14 17.98
N ILE A 10 -6.77 -0.51 18.17
CA ILE A 10 -5.51 -0.94 17.54
C ILE A 10 -4.95 -2.24 18.08
N CYS A 11 -4.83 -3.25 17.23
CA CYS A 11 -4.25 -4.51 17.65
C CYS A 11 -2.73 -4.37 17.56
N SER A 12 -2.09 -4.97 18.56
CA SER A 12 -0.62 -4.98 18.61
C SER A 12 -0.23 -6.14 17.70
N LEU A 13 1.04 -6.30 17.39
CA LEU A 13 1.51 -7.40 16.53
C LEU A 13 1.45 -8.72 17.28
N TYR A 14 1.52 -8.59 18.63
CA TYR A 14 1.29 -9.65 19.58
C TYR A 14 -0.10 -10.22 19.40
N GLN A 15 -1.02 -9.27 19.21
CA GLN A 15 -2.43 -9.61 19.04
C GLN A 15 -2.71 -10.15 17.64
N LEU A 16 -1.97 -9.67 16.63
CA LEU A 16 -2.24 -10.20 15.28
C LEU A 16 -1.72 -11.61 15.10
N GLU A 17 -0.69 -11.99 15.86
CA GLU A 17 -0.08 -13.32 15.79
C GLU A 17 -1.03 -14.46 16.10
N ASN A 18 -2.10 -14.24 16.86
CA ASN A 18 -3.08 -15.27 17.15
C ASN A 18 -3.90 -15.65 15.91
N TYR A 19 -3.79 -14.94 14.79
CA TYR A 19 -4.50 -15.24 13.57
C TYR A 19 -3.66 -15.95 12.52
N CYS A 20 -2.37 -16.13 12.76
CA CYS A 20 -1.46 -16.80 11.86
C CYS A 20 -1.65 -18.32 11.91
N ASN A 21 -1.66 -19.01 10.78
CA ASN A 21 -1.71 -20.48 10.80
C ASN A 21 -0.26 -20.96 10.97
N PHE B 1 -20.08 -1.11 4.71
CA PHE B 1 -19.36 0.00 5.38
C PHE B 1 -17.94 0.07 4.81
N VAL B 2 -17.66 1.21 4.18
CA VAL B 2 -16.33 1.38 3.58
C VAL B 2 -15.25 1.48 4.62
N ASN B 3 -15.54 2.11 5.75
CA ASN B 3 -14.56 2.26 6.81
C ASN B 3 -13.99 0.92 7.25
N GLN B 4 -14.82 -0.11 7.49
CA GLN B 4 -14.18 -1.37 7.89
C GLN B 4 -13.63 -2.13 6.69
N TYR B 5 -14.06 -1.83 5.47
CA TYR B 5 -13.49 -2.45 4.29
C TYR B 5 -12.04 -1.97 4.18
N LEU B 6 -11.78 -0.69 4.36
CA LEU B 6 -10.43 -0.15 4.31
C LEU B 6 -9.57 -0.63 5.45
N CYS B 7 -10.16 -0.73 6.66
CA CYS B 7 -9.43 -1.25 7.81
C CYS B 7 -8.96 -2.67 7.50
N GLY B 8 -9.85 -3.51 6.96
CA GLY B 8 -9.53 -4.89 6.60
C GLY B 8 -8.32 -4.92 5.66
N SER B 9 -8.27 -4.04 4.67
CA SER B 9 -7.14 -3.99 3.72
C SER B 9 -5.83 -3.77 4.44
N HIS B 10 -5.79 -2.94 5.48
CA HIS B 10 -4.58 -2.70 6.25
C HIS B 10 -4.28 -3.90 7.14
N LEU B 11 -5.29 -4.58 7.65
CA LEU B 11 -5.09 -5.73 8.54
C LEU B 11 -4.43 -6.88 7.78
N VAL B 12 -4.82 -7.11 6.54
CA VAL B 12 -4.20 -8.17 5.73
C VAL B 12 -2.75 -7.85 5.45
N GLU B 13 -2.37 -6.59 5.27
CA GLU B 13 -0.96 -6.24 5.04
C GLU B 13 -0.14 -6.53 6.30
N ALA B 14 -0.68 -6.19 7.47
CA ALA B 14 -0.07 -6.49 8.77
C ALA B 14 0.00 -8.00 8.98
N LEU B 15 -1.02 -8.81 8.71
CA LEU B 15 -0.92 -10.24 8.87
C LEU B 15 0.23 -10.86 8.07
N TYR B 16 0.35 -10.38 6.82
CA TYR B 16 1.38 -10.82 5.91
C TYR B 16 2.75 -10.65 6.56
N LEU B 17 3.02 -9.48 7.12
CA LEU B 17 4.29 -9.24 7.76
C LEU B 17 4.42 -9.99 9.08
N VAL B 18 3.44 -10.08 9.95
CA VAL B 18 3.66 -10.79 11.22
C VAL B 18 3.68 -12.29 11.08
N CYS B 19 2.81 -12.86 10.26
CA CYS B 19 2.77 -14.31 10.09
C CYS B 19 3.94 -14.89 9.33
N GLY B 20 4.48 -14.16 8.36
CA GLY B 20 5.67 -14.59 7.64
C GLY B 20 5.42 -15.86 6.86
N GLU B 21 6.30 -16.85 7.05
CA GLU B 21 6.29 -18.18 6.43
C GLU B 21 5.02 -18.97 6.78
N ARG B 22 4.45 -18.77 7.96
CA ARG B 22 3.27 -19.51 8.36
C ARG B 22 2.05 -19.12 7.54
N GLY B 23 2.03 -17.93 6.90
CA GLY B 23 0.82 -17.61 6.14
C GLY B 23 -0.31 -17.35 7.15
N PHE B 24 -1.49 -17.05 6.62
CA PHE B 24 -2.61 -16.77 7.48
C PHE B 24 -3.91 -17.09 6.77
N PHE B 25 -5.00 -17.08 7.53
CA PHE B 25 -6.28 -17.30 6.93
C PHE B 25 -7.11 -16.05 7.12
N TYR B 26 -7.81 -15.65 6.06
CA TYR B 26 -8.55 -14.40 6.26
C TYR B 26 -10.03 -14.62 6.00
N THR B 27 -10.77 -14.55 7.09
CA THR B 27 -12.23 -14.74 7.01
C THR B 27 -12.92 -13.60 7.76
N PRO B 28 -13.49 -12.66 7.02
CA PRO B 28 -14.18 -11.52 7.58
C PRO B 28 -15.22 -11.81 8.64
N LYS B 29 -15.99 -12.89 8.60
CA LYS B 29 -17.03 -13.16 9.61
C LYS B 29 -16.53 -13.72 10.91
N THR B 30 -17.17 -13.27 12.04
CA THR B 30 -16.79 -13.77 13.36
C THR B 30 -17.36 -12.88 14.47
N GLY C 1 2.63 -23.48 -5.80
CA GLY C 1 1.71 -22.67 -4.95
C GLY C 1 1.54 -21.27 -5.52
N ILE C 2 0.77 -20.44 -4.85
CA ILE C 2 0.45 -19.08 -5.26
C ILE C 2 1.63 -18.27 -5.72
N VAL C 3 2.70 -18.26 -4.95
CA VAL C 3 3.92 -17.49 -5.20
C VAL C 3 4.63 -17.89 -6.48
N GLU C 4 4.73 -19.21 -6.69
CA GLU C 4 5.36 -19.76 -7.90
C GLU C 4 4.50 -19.52 -9.12
N GLN C 5 3.18 -19.60 -8.98
CA GLN C 5 2.31 -19.38 -10.13
C GLN C 5 2.19 -17.88 -10.46
N CYS C 6 1.97 -17.05 -9.44
CA CYS C 6 1.68 -15.64 -9.65
C CYS C 6 2.78 -14.62 -9.44
N CYS C 7 3.97 -15.03 -9.02
CA CYS C 7 5.08 -14.08 -8.86
C CYS C 7 6.06 -14.30 -10.00
N THR C 8 5.70 -15.29 -10.82
CA THR C 8 6.54 -15.57 -11.97
C THR C 8 5.92 -15.03 -13.24
N SER C 9 4.61 -14.92 -13.26
CA SER C 9 3.83 -14.40 -14.38
C SER C 9 2.68 -13.64 -13.76
N ILE C 10 2.03 -12.70 -14.43
CA ILE C 10 0.92 -12.02 -13.75
C ILE C 10 -0.34 -12.88 -13.73
N CYS C 11 -0.95 -13.18 -12.61
CA CYS C 11 -2.20 -13.95 -12.67
C CYS C 11 -3.31 -12.96 -12.94
N SER C 12 -4.32 -13.38 -13.67
CA SER C 12 -5.43 -12.44 -13.92
C SER C 12 -6.28 -12.46 -12.67
N LEU C 13 -7.35 -11.67 -12.57
CA LEU C 13 -8.22 -11.70 -11.40
C LEU C 13 -8.98 -13.03 -11.30
N TYR C 14 -9.26 -13.61 -12.45
CA TYR C 14 -9.92 -14.92 -12.52
C TYR C 14 -8.97 -15.99 -11.98
N GLN C 15 -7.69 -15.99 -12.25
CA GLN C 15 -6.76 -16.94 -11.71
C GLN C 15 -6.63 -16.79 -10.20
N LEU C 16 -6.64 -15.51 -9.78
CA LEU C 16 -6.54 -15.18 -8.37
C LEU C 16 -7.71 -15.71 -7.58
N GLU C 17 -8.91 -15.66 -8.13
CA GLU C 17 -10.15 -16.15 -7.52
C GLU C 17 -10.06 -17.62 -7.15
N ASN C 18 -9.23 -18.40 -7.84
CA ASN C 18 -8.96 -19.77 -7.47
C ASN C 18 -8.53 -19.95 -6.04
N TYR C 19 -7.89 -18.98 -5.38
CA TYR C 19 -7.46 -19.02 -4.00
C TYR C 19 -8.47 -18.42 -3.04
N CYS C 20 -9.63 -17.97 -3.46
CA CYS C 20 -10.59 -17.45 -2.48
C CYS C 20 -11.22 -18.68 -1.84
N ASN C 21 -11.87 -18.52 -0.68
CA ASN C 21 -12.56 -19.79 -0.29
C ASN C 21 -14.01 -19.43 -0.43
N PHE D 1 12.59 -14.98 -0.33
CA PHE D 1 13.56 -14.16 -1.15
C PHE D 1 12.96 -12.78 -1.42
N VAL D 2 13.73 -11.69 -1.42
CA VAL D 2 13.17 -10.36 -1.59
C VAL D 2 12.21 -10.11 -2.74
N ASN D 3 12.56 -10.32 -4.00
CA ASN D 3 11.59 -10.06 -5.07
C ASN D 3 10.30 -10.83 -4.82
N GLN D 4 10.36 -12.10 -4.44
CA GLN D 4 9.11 -12.80 -4.20
C GLN D 4 8.40 -12.39 -2.93
N TYR D 5 9.15 -11.91 -1.96
CA TYR D 5 8.56 -11.40 -0.72
C TYR D 5 7.74 -10.15 -1.01
N LEU D 6 8.29 -9.24 -1.81
CA LEU D 6 7.62 -7.99 -2.19
C LEU D 6 6.42 -8.29 -3.06
N CYS D 7 6.55 -9.28 -3.96
CA CYS D 7 5.47 -9.71 -4.83
C CYS D 7 4.31 -10.26 -4.01
N GLY D 8 4.59 -11.07 -2.99
CA GLY D 8 3.59 -11.64 -2.11
C GLY D 8 2.81 -10.58 -1.36
N SER D 9 3.40 -9.45 -1.03
CA SER D 9 2.74 -8.30 -0.41
C SER D 9 1.60 -7.81 -1.28
N HIS D 10 1.91 -7.64 -2.58
CA HIS D 10 0.91 -7.23 -3.56
C HIS D 10 -0.09 -8.36 -3.79
N LEU D 11 0.24 -9.63 -3.79
CA LEU D 11 -0.72 -10.70 -3.97
C LEU D 11 -1.88 -10.72 -2.96
N VAL D 12 -1.57 -10.52 -1.70
CA VAL D 12 -2.53 -10.54 -0.59
C VAL D 12 -3.49 -9.37 -0.68
N GLU D 13 -2.98 -8.22 -1.13
CA GLU D 13 -3.85 -7.04 -1.33
C GLU D 13 -4.84 -7.32 -2.44
N ALA D 14 -4.40 -7.99 -3.52
CA ALA D 14 -5.22 -8.39 -4.66
C ALA D 14 -6.22 -9.46 -4.23
N LEU D 15 -5.80 -10.40 -3.38
CA LEU D 15 -6.70 -11.44 -2.88
C LEU D 15 -7.85 -10.84 -2.09
N TYR D 16 -7.47 -9.91 -1.25
CA TYR D 16 -8.44 -9.16 -0.42
C TYR D 16 -9.52 -8.55 -1.33
N LEU D 17 -9.11 -7.85 -2.38
CA LEU D 17 -10.10 -7.23 -3.27
C LEU D 17 -10.88 -8.27 -4.06
N VAL D 18 -10.25 -9.28 -4.61
CA VAL D 18 -10.98 -10.29 -5.36
C VAL D 18 -11.93 -11.14 -4.52
N CYS D 19 -11.49 -11.61 -3.37
CA CYS D 19 -12.25 -12.54 -2.55
C CYS D 19 -13.34 -11.86 -1.74
N GLY D 20 -13.30 -10.56 -1.44
CA GLY D 20 -14.37 -9.95 -0.69
C GLY D 20 -14.71 -10.69 0.59
N GLU D 21 -16.00 -10.95 0.81
CA GLU D 21 -16.61 -11.56 2.00
C GLU D 21 -16.22 -13.04 2.18
N ARG D 22 -15.85 -13.72 1.10
CA ARG D 22 -15.45 -15.11 1.13
C ARG D 22 -14.18 -15.29 1.93
N GLY D 23 -13.28 -14.30 1.82
CA GLY D 23 -12.03 -14.43 2.57
C GLY D 23 -11.11 -15.31 1.71
N PHE D 24 -9.95 -15.61 2.29
CA PHE D 24 -8.99 -16.39 1.53
C PHE D 24 -7.99 -16.93 2.53
N PHE D 25 -7.17 -17.83 2.03
CA PHE D 25 -6.13 -18.44 2.82
C PHE D 25 -4.80 -18.06 2.18
N TYR D 26 -3.83 -17.73 2.99
CA TYR D 26 -2.57 -17.44 2.33
C TYR D 26 -1.53 -18.30 3.02
N THR D 27 -1.03 -19.22 2.19
CA THR D 27 0.00 -20.17 2.59
C THR D 27 1.08 -20.15 1.50
N PRO D 28 2.10 -19.33 1.72
CA PRO D 28 3.18 -19.20 0.77
C PRO D 28 3.95 -20.51 0.62
N LYS D 29 3.86 -21.49 1.47
CA LYS D 29 4.69 -22.68 1.19
C LYS D 29 4.54 -23.83 2.20
N THR D 30 3.62 -24.72 1.85
CA THR D 30 3.38 -25.97 2.59
C THR D 30 3.25 -27.13 1.60
N GLY E 1 2.16 17.86 16.14
CA GLY E 1 2.68 16.53 15.67
C GLY E 1 2.11 16.32 14.25
N ILE E 2 2.74 15.38 13.55
CA ILE E 2 2.32 15.11 12.19
C ILE E 2 0.91 14.56 12.04
N VAL E 3 0.50 13.64 12.90
CA VAL E 3 -0.85 13.08 12.72
C VAL E 3 -1.89 14.16 13.01
N GLU E 4 -1.62 14.94 14.06
CA GLU E 4 -2.52 16.02 14.42
C GLU E 4 -2.54 17.05 13.31
N GLN E 5 -1.41 17.39 12.70
CA GLN E 5 -1.29 18.30 11.57
C GLN E 5 -2.00 17.76 10.34
N CYS E 6 -1.61 16.56 9.92
CA CYS E 6 -2.05 15.96 8.67
C CYS E 6 -3.11 14.87 8.69
N CYS E 7 -3.66 14.50 9.86
CA CYS E 7 -4.72 13.47 9.82
C CYS E 7 -6.06 14.15 10.02
N THR E 8 -6.01 15.42 10.42
CA THR E 8 -7.21 16.23 10.65
C THR E 8 -7.62 16.88 9.34
N SER E 9 -6.56 17.27 8.62
CA SER E 9 -6.75 17.94 7.34
C SER E 9 -5.66 17.45 6.40
N ILE E 10 -5.81 17.60 5.10
CA ILE E 10 -4.81 17.11 4.18
C ILE E 10 -3.62 18.03 4.01
N CYS E 11 -2.45 17.54 4.38
CA CYS E 11 -1.26 18.37 4.17
C CYS E 11 -0.88 18.41 2.72
N SER E 12 -0.33 19.52 2.27
CA SER E 12 0.11 19.68 0.89
C SER E 12 1.52 19.13 0.76
N LEU E 13 2.13 19.07 -0.41
CA LEU E 13 3.51 18.58 -0.50
C LEU E 13 4.46 19.50 0.28
N TYR E 14 4.21 20.81 0.36
CA TYR E 14 5.08 21.74 1.10
C TYR E 14 5.08 21.44 2.60
N GLN E 15 3.89 21.19 3.16
CA GLN E 15 3.76 20.87 4.57
C GLN E 15 4.41 19.54 4.91
N LEU E 16 4.34 18.61 3.94
CA LEU E 16 4.95 17.30 4.11
C LEU E 16 6.45 17.43 4.06
N GLU E 17 6.97 18.31 3.20
CA GLU E 17 8.42 18.51 3.12
C GLU E 17 9.08 18.99 4.41
N ASN E 18 8.33 19.51 5.34
CA ASN E 18 8.77 19.96 6.65
C ASN E 18 9.45 18.83 7.44
N TYR E 19 9.02 17.59 7.16
CA TYR E 19 9.52 16.42 7.82
C TYR E 19 10.68 15.71 7.10
N CYS E 20 11.13 16.21 5.97
CA CYS E 20 12.28 15.57 5.33
C CYS E 20 13.56 16.01 6.03
N ASN E 21 14.57 15.17 6.01
CA ASN E 21 15.86 15.48 6.61
C ASN E 21 16.54 16.65 5.91
N PHE F 1 -11.45 3.48 17.25
CA PHE F 1 -10.79 4.78 17.05
C PHE F 1 -9.35 4.61 16.57
N VAL F 2 -9.38 3.89 15.47
CA VAL F 2 -8.30 3.44 14.59
C VAL F 2 -8.03 4.29 13.38
N ASN F 3 -8.78 5.36 13.18
CA ASN F 3 -8.65 6.35 12.14
C ASN F 3 -7.29 7.01 11.99
N GLN F 4 -6.69 7.45 13.08
CA GLN F 4 -5.38 8.10 12.98
C GLN F 4 -4.25 7.10 12.72
N TYR F 5 -4.45 5.88 13.22
CA TYR F 5 -3.47 4.83 12.97
C TYR F 5 -3.45 4.53 11.46
N LEU F 6 -4.61 4.44 10.82
CA LEU F 6 -4.69 4.17 9.38
C LEU F 6 -4.18 5.35 8.57
N CYS F 7 -4.49 6.56 9.02
CA CYS F 7 -3.96 7.77 8.38
C CYS F 7 -2.44 7.80 8.43
N GLY F 8 -1.86 7.46 9.56
CA GLY F 8 -0.39 7.47 9.73
C GLY F 8 0.25 6.51 8.75
N SER F 9 -0.35 5.33 8.44
CA SER F 9 0.37 4.48 7.50
C SER F 9 0.43 5.11 6.11
N HIS F 10 -0.54 5.95 5.72
CA HIS F 10 -0.51 6.60 4.42
C HIS F 10 0.46 7.81 4.48
N LEU F 11 0.63 8.48 5.61
CA LEU F 11 1.58 9.55 5.77
C LEU F 11 3.03 9.12 5.53
N VAL F 12 3.35 7.98 6.11
CA VAL F 12 4.73 7.42 5.97
C VAL F 12 4.99 7.15 4.49
N GLU F 13 4.01 6.67 3.73
CA GLU F 13 4.14 6.41 2.29
C GLU F 13 4.34 7.72 1.53
N ALA F 14 3.58 8.76 1.95
CA ALA F 14 3.70 10.07 1.31
C ALA F 14 5.05 10.68 1.64
N LEU F 15 5.55 10.52 2.86
CA LEU F 15 6.84 11.05 3.27
C LEU F 15 7.96 10.44 2.44
N TYR F 16 7.87 9.12 2.28
CA TYR F 16 8.82 8.37 1.49
C TYR F 16 8.99 8.98 0.11
N LEU F 17 7.93 9.28 -0.61
CA LEU F 17 8.05 9.83 -1.95
C LEU F 17 8.45 11.30 -1.92
N VAL F 18 7.87 12.11 -1.05
CA VAL F 18 8.27 13.53 -1.03
C VAL F 18 9.72 13.76 -0.69
N CYS F 19 10.27 13.12 0.33
CA CYS F 19 11.64 13.35 0.78
C CYS F 19 12.73 12.74 -0.06
N GLY F 20 12.44 11.61 -0.74
CA GLY F 20 13.42 10.98 -1.60
C GLY F 20 14.71 10.61 -0.89
N GLU F 21 15.85 10.94 -1.49
CA GLU F 21 17.05 10.42 -0.83
C GLU F 21 17.44 11.24 0.42
N ARG F 22 16.83 12.37 0.75
CA ARG F 22 16.91 13.05 2.03
C ARG F 22 16.48 12.17 3.19
N GLY F 23 15.46 11.33 2.98
CA GLY F 23 14.96 10.48 4.06
C GLY F 23 14.06 11.34 4.94
N PHE F 24 13.59 10.79 6.06
CA PHE F 24 12.73 11.64 6.89
C PHE F 24 12.72 11.16 8.33
N PHE F 25 12.02 11.96 9.11
CA PHE F 25 11.88 11.69 10.54
C PHE F 25 10.35 11.62 10.78
N TYR F 26 10.05 10.55 11.50
CA TYR F 26 8.65 10.36 11.81
C TYR F 26 8.51 9.92 13.27
N THR F 27 7.84 10.86 13.90
CA THR F 27 7.51 10.82 15.31
C THR F 27 6.07 11.36 15.49
N PRO F 28 5.26 10.39 15.92
CA PRO F 28 3.85 10.41 16.20
C PRO F 28 3.38 10.78 17.61
N LYS F 29 4.21 11.45 18.38
CA LYS F 29 3.76 11.83 19.74
C LYS F 29 4.54 13.05 20.20
N THR F 30 4.09 14.27 19.94
CA THR F 30 5.09 15.38 20.18
C THR F 30 5.77 15.99 18.96
N GLY G 1 22.26 0.89 3.76
CA GLY G 1 22.34 0.66 5.25
C GLY G 1 21.18 -0.26 5.66
N ILE G 2 20.00 0.36 5.84
CA ILE G 2 18.81 -0.43 6.15
C ILE G 2 18.51 -1.12 4.81
N VAL G 3 18.69 -0.33 3.75
CA VAL G 3 18.57 -0.79 2.37
C VAL G 3 19.51 -1.93 2.05
N GLU G 4 20.77 -1.84 2.46
CA GLU G 4 21.76 -2.88 2.19
C GLU G 4 21.49 -4.18 2.93
N GLN G 5 21.12 -4.03 4.20
CA GLN G 5 20.79 -5.19 5.01
C GLN G 5 19.48 -5.82 4.58
N CYS G 6 18.50 -4.99 4.18
CA CYS G 6 17.18 -5.56 3.89
C CYS G 6 16.61 -5.59 2.49
N CYS G 7 17.25 -5.13 1.43
CA CYS G 7 16.75 -5.25 0.06
C CYS G 7 17.48 -6.34 -0.71
N THR G 8 18.51 -6.82 -0.02
CA THR G 8 19.43 -7.88 -0.37
C THR G 8 18.87 -9.19 0.17
N SER G 9 18.37 -9.18 1.41
CA SER G 9 17.81 -10.37 2.04
C SER G 9 16.57 -10.01 2.86
N ILE G 10 15.67 -10.94 3.12
CA ILE G 10 14.46 -10.64 3.89
C ILE G 10 14.78 -10.38 5.37
N CYS G 11 14.39 -9.20 5.85
CA CYS G 11 14.56 -8.88 7.26
C CYS G 11 13.32 -9.20 8.09
N SER G 12 13.44 -9.85 9.24
CA SER G 12 12.30 -10.11 10.10
C SER G 12 11.91 -8.82 10.83
N LEU G 13 10.77 -8.85 11.53
CA LEU G 13 10.32 -7.73 12.33
C LEU G 13 11.34 -7.43 13.43
N TYR G 14 11.99 -8.45 14.02
CA TYR G 14 13.00 -8.19 15.04
C TYR G 14 14.17 -7.41 14.48
N GLN G 15 14.66 -7.77 13.31
CA GLN G 15 15.77 -6.97 12.80
C GLN G 15 15.34 -5.55 12.44
N LEU G 16 14.10 -5.38 11.95
CA LEU G 16 13.72 -4.03 11.57
C LEU G 16 13.51 -3.16 12.79
N GLU G 17 13.13 -3.77 13.91
CA GLU G 17 12.89 -3.03 15.14
C GLU G 17 14.15 -2.30 15.59
N ASN G 18 15.33 -2.78 15.23
CA ASN G 18 16.59 -2.14 15.55
C ASN G 18 16.66 -0.72 14.96
N TYR G 19 15.88 -0.44 13.92
CA TYR G 19 15.93 0.85 13.27
C TYR G 19 14.89 1.79 13.83
N CYS G 20 14.15 1.39 14.86
CA CYS G 20 13.18 2.22 15.50
C CYS G 20 13.83 3.35 16.30
N ASN G 21 13.01 4.33 16.64
CA ASN G 21 13.47 5.47 17.38
C ASN G 21 13.55 5.14 18.87
N PHE H 1 18.36 3.23 -8.72
CA PHE H 1 17.79 1.91 -9.11
C PHE H 1 16.34 1.82 -8.60
N VAL H 2 15.44 1.48 -9.52
CA VAL H 2 14.02 1.35 -9.15
C VAL H 2 13.79 0.16 -8.25
N ASN H 3 14.47 -0.99 -8.40
CA ASN H 3 14.23 -2.12 -7.51
C ASN H 3 14.52 -1.75 -6.04
N GLN H 4 15.61 -1.07 -5.76
CA GLN H 4 15.95 -0.66 -4.41
C GLN H 4 14.98 0.39 -3.89
N TYR H 5 14.50 1.27 -4.75
CA TYR H 5 13.54 2.32 -4.34
C TYR H 5 12.20 1.69 -3.97
N LEU H 6 11.72 0.68 -4.69
CA LEU H 6 10.46 0.03 -4.37
C LEU H 6 10.60 -0.79 -3.10
N CYS H 7 11.76 -1.41 -2.89
CA CYS H 7 12.04 -2.13 -1.66
C CYS H 7 11.96 -1.17 -0.46
N GLY H 8 12.55 0.03 -0.59
CA GLY H 8 12.45 1.09 0.39
C GLY H 8 11.04 1.46 0.78
N SER H 9 10.10 1.57 -0.18
CA SER H 9 8.71 1.85 0.10
C SER H 9 8.08 0.88 1.10
N HIS H 10 8.33 -0.41 0.83
CA HIS H 10 7.83 -1.48 1.69
C HIS H 10 8.54 -1.46 3.04
N LEU H 11 9.84 -1.12 3.12
CA LEU H 11 10.50 -1.07 4.43
C LEU H 11 9.85 -0.04 5.36
N VAL H 12 9.54 1.16 4.86
CA VAL H 12 8.99 2.22 5.71
C VAL H 12 7.61 1.84 6.24
N GLU H 13 6.89 1.08 5.44
CA GLU H 13 5.58 0.57 5.85
C GLU H 13 5.79 -0.52 6.90
N ALA H 14 6.81 -1.35 6.84
CA ALA H 14 7.08 -2.32 7.89
C ALA H 14 7.61 -1.56 9.11
N LEU H 15 8.43 -0.51 8.95
CA LEU H 15 8.93 0.23 10.10
C LEU H 15 7.74 0.83 10.85
N TYR H 16 6.81 1.38 10.07
CA TYR H 16 5.60 1.95 10.66
C TYR H 16 4.94 0.93 11.57
N LEU H 17 4.67 -0.32 11.25
CA LEU H 17 4.01 -1.17 12.24
C LEU H 17 4.91 -1.61 13.43
N VAL H 18 6.16 -1.96 13.15
CA VAL H 18 7.02 -2.45 14.21
C VAL H 18 7.30 -1.41 15.28
N CYS H 19 7.70 -0.22 14.85
CA CYS H 19 8.13 0.87 15.73
C CYS H 19 7.01 1.49 16.54
N GLY H 20 5.78 1.43 16.04
CA GLY H 20 4.63 1.99 16.74
C GLY H 20 4.76 3.44 17.16
N GLU H 21 4.59 3.70 18.47
CA GLU H 21 4.61 5.04 19.02
C GLU H 21 5.99 5.65 19.16
N ARG H 22 7.05 4.89 18.98
CA ARG H 22 8.40 5.46 19.07
C ARG H 22 8.76 6.15 17.77
N GLY H 23 8.17 5.69 16.67
CA GLY H 23 8.48 6.38 15.40
C GLY H 23 9.87 5.92 14.97
N PHE H 24 10.41 6.58 13.94
CA PHE H 24 11.69 6.25 13.37
C PHE H 24 12.20 7.34 12.45
N PHE H 25 13.51 7.21 12.18
CA PHE H 25 14.16 8.06 11.20
C PHE H 25 14.39 7.10 10.02
N TYR H 26 14.16 7.62 8.81
CA TYR H 26 14.43 6.81 7.64
C TYR H 26 15.50 7.51 6.80
N THR H 27 16.65 6.85 6.75
CA THR H 27 17.76 7.33 5.93
C THR H 27 18.22 6.26 4.94
N PRO H 28 18.01 6.53 3.65
CA PRO H 28 18.26 5.63 2.55
C PRO H 28 19.56 4.94 2.21
N LYS H 29 20.48 5.69 1.67
CA LYS H 29 21.88 5.30 1.46
C LYS H 29 22.70 6.35 2.24
N THR H 30 23.22 5.79 3.47
CA THR H 30 24.02 6.69 4.30
C THR H 30 25.46 6.17 4.39
N GLY I 1 -19.90 10.85 -9.44
CA GLY I 1 -18.48 10.47 -9.74
C GLY I 1 -18.01 9.29 -8.86
N ILE I 2 -16.77 8.83 -9.05
CA ILE I 2 -16.25 7.68 -8.33
C ILE I 2 -16.18 7.78 -6.83
N VAL I 3 -15.75 8.89 -6.27
CA VAL I 3 -15.68 9.06 -4.80
C VAL I 3 -17.07 9.06 -4.18
N GLU I 4 -17.98 9.68 -4.92
CA GLU I 4 -19.38 9.73 -4.52
C GLU I 4 -20.00 8.33 -4.54
N GLN I 5 -19.78 7.55 -5.60
CA GLN I 5 -20.43 6.24 -5.67
C GLN I 5 -19.81 5.21 -4.75
N CYS I 6 -18.51 5.33 -4.42
CA CYS I 6 -17.86 4.27 -3.66
C CYS I 6 -17.22 4.59 -2.32
N CYS I 7 -17.37 5.78 -1.76
CA CYS I 7 -16.66 6.05 -0.49
C CYS I 7 -17.53 5.93 0.74
N THR I 8 -18.80 5.52 0.67
CA THR I 8 -19.65 5.30 1.83
C THR I 8 -20.15 3.86 1.84
N SER I 9 -20.45 3.48 0.59
CA SER I 9 -20.85 2.13 0.22
C SER I 9 -19.80 1.36 -0.56
N ILE I 10 -19.59 0.07 -0.34
CA ILE I 10 -18.53 -0.61 -1.07
C ILE I 10 -18.89 -0.87 -2.53
N CYS I 11 -17.93 -0.53 -3.39
CA CYS I 11 -18.14 -0.80 -4.81
C CYS I 11 -17.52 -2.16 -5.16
N SER I 12 -18.26 -2.96 -5.94
CA SER I 12 -17.70 -4.25 -6.35
C SER I 12 -16.69 -4.01 -7.45
N LEU I 13 -15.91 -5.03 -7.76
CA LEU I 13 -14.92 -5.01 -8.85
C LEU I 13 -15.64 -4.74 -10.17
N TYR I 14 -16.81 -5.33 -10.30
CA TYR I 14 -17.80 -5.22 -11.36
C TYR I 14 -18.07 -3.75 -11.68
N GLN I 15 -18.37 -3.03 -10.62
CA GLN I 15 -18.72 -1.64 -10.61
C GLN I 15 -17.54 -0.72 -10.89
N LEU I 16 -16.38 -1.13 -10.39
CA LEU I 16 -15.17 -0.33 -10.58
C LEU I 16 -14.70 -0.31 -12.02
N GLU I 17 -15.04 -1.41 -12.70
CA GLU I 17 -14.72 -1.57 -14.11
C GLU I 17 -15.38 -0.54 -15.02
N ASN I 18 -16.39 0.21 -14.58
CA ASN I 18 -17.00 1.31 -15.34
C ASN I 18 -16.05 2.48 -15.49
N TYR I 19 -15.04 2.53 -14.60
CA TYR I 19 -14.02 3.56 -14.63
C TYR I 19 -12.78 3.13 -15.40
N CYS I 20 -12.75 2.02 -16.11
CA CYS I 20 -11.57 1.67 -16.89
C CYS I 20 -11.61 2.40 -18.23
N ASN I 21 -10.49 2.67 -18.87
CA ASN I 21 -10.50 3.30 -20.18
C ASN I 21 -10.93 2.28 -21.25
N PHE J 1 -11.57 14.92 9.35
CA PHE J 1 -10.70 13.79 9.02
C PHE J 1 -10.46 13.70 7.51
N VAL J 2 -9.40 12.98 7.12
CA VAL J 2 -9.08 12.85 5.71
C VAL J 2 -9.76 11.66 5.04
N ASN J 3 -10.93 11.23 5.47
CA ASN J 3 -11.64 10.06 5.01
C ASN J 3 -11.78 9.90 3.52
N GLN J 4 -12.20 10.89 2.75
CA GLN J 4 -12.35 10.82 1.31
C GLN J 4 -11.02 10.66 0.56
N TYR J 5 -10.02 11.40 1.03
CA TYR J 5 -8.68 11.32 0.47
C TYR J 5 -8.10 9.93 0.65
N LEU J 6 -8.29 9.31 1.83
CA LEU J 6 -7.79 7.94 2.06
C LEU J 6 -8.54 6.91 1.21
N CYS J 7 -9.86 7.15 1.10
CA CYS J 7 -10.67 6.25 0.27
C CYS J 7 -10.13 6.22 -1.16
N GLY J 8 -9.91 7.43 -1.71
CA GLY J 8 -9.37 7.66 -3.03
C GLY J 8 -8.06 6.90 -3.28
N SER J 9 -7.13 6.90 -2.32
CA SER J 9 -5.88 6.17 -2.55
C SER J 9 -6.16 4.66 -2.66
N HIS J 10 -7.13 4.12 -1.94
CA HIS J 10 -7.48 2.70 -2.10
C HIS J 10 -8.17 2.46 -3.43
N LEU J 11 -9.01 3.40 -3.85
CA LEU J 11 -9.73 3.25 -5.12
C LEU J 11 -8.80 3.10 -6.32
N VAL J 12 -7.80 3.95 -6.34
CA VAL J 12 -6.77 3.95 -7.39
C VAL J 12 -6.05 2.63 -7.42
N GLU J 13 -5.71 2.03 -6.27
CA GLU J 13 -5.03 0.72 -6.32
C GLU J 13 -5.95 -0.36 -6.88
N ALA J 14 -7.24 -0.30 -6.53
CA ALA J 14 -8.22 -1.25 -7.04
C ALA J 14 -8.45 -1.03 -8.54
N LEU J 15 -8.49 0.21 -9.02
CA LEU J 15 -8.67 0.46 -10.45
C LEU J 15 -7.50 -0.12 -11.24
N TYR J 16 -6.29 0.05 -10.68
CA TYR J 16 -5.09 -0.50 -11.26
C TYR J 16 -5.24 -2.00 -11.46
N LEU J 17 -5.67 -2.74 -10.45
CA LEU J 17 -5.89 -4.19 -10.59
C LEU J 17 -6.95 -4.57 -11.61
N VAL J 18 -8.11 -3.95 -11.45
CA VAL J 18 -9.26 -4.24 -12.31
C VAL J 18 -9.07 -3.87 -13.78
N CYS J 19 -8.57 -2.68 -14.05
CA CYS J 19 -8.47 -2.27 -15.46
C CYS J 19 -7.32 -2.90 -16.23
N GLY J 20 -6.27 -3.36 -15.56
CA GLY J 20 -5.13 -3.96 -16.22
C GLY J 20 -4.55 -3.06 -17.30
N GLU J 21 -4.36 -3.65 -18.47
CA GLU J 21 -3.73 -3.07 -19.66
C GLU J 21 -4.48 -1.85 -20.21
N ARG J 22 -5.80 -1.75 -20.00
CA ARG J 22 -6.37 -0.52 -20.53
C ARG J 22 -6.17 0.69 -19.60
N GLY J 23 -5.78 0.52 -18.33
CA GLY J 23 -5.55 1.76 -17.56
C GLY J 23 -6.95 2.33 -17.26
N PHE J 24 -6.88 3.50 -16.63
CA PHE J 24 -8.06 4.22 -16.21
C PHE J 24 -7.84 5.70 -16.06
N PHE J 25 -8.94 6.34 -15.67
CA PHE J 25 -8.94 7.77 -15.41
C PHE J 25 -9.44 7.92 -13.96
N TYR J 26 -8.84 8.84 -13.25
CA TYR J 26 -9.18 9.14 -11.88
C TYR J 26 -9.35 10.66 -11.82
N THR J 27 -10.59 11.04 -11.65
CA THR J 27 -10.90 12.49 -11.57
C THR J 27 -11.60 12.61 -10.23
N PRO J 28 -10.84 13.18 -9.30
CA PRO J 28 -11.30 13.28 -7.92
C PRO J 28 -12.37 14.32 -7.74
N LYS J 29 -12.42 15.27 -8.69
CA LYS J 29 -13.28 16.41 -8.50
C LYS J 29 -14.46 16.41 -9.46
N THR J 30 -15.37 15.59 -9.03
CA THR J 30 -16.71 15.70 -9.58
C THR J 30 -17.70 14.76 -8.87
N GLY K 1 5.91 6.24 -22.76
CA GLY K 1 5.20 5.48 -21.68
C GLY K 1 5.87 5.83 -20.35
N ILE K 2 5.02 5.96 -19.33
CA ILE K 2 5.49 6.28 -17.98
C ILE K 2 6.29 5.09 -17.47
N VAL K 3 5.80 3.90 -17.83
CA VAL K 3 6.45 2.64 -17.50
C VAL K 3 7.84 2.51 -18.09
N GLU K 4 8.00 2.90 -19.35
CA GLU K 4 9.27 2.85 -20.04
C GLU K 4 10.24 3.84 -19.42
N GLN K 5 9.63 4.98 -19.11
CA GLN K 5 10.40 6.07 -18.55
C GLN K 5 10.72 6.00 -17.07
N CYS K 6 9.89 5.41 -16.21
CA CYS K 6 10.13 5.39 -14.78
C CYS K 6 10.31 4.03 -14.12
N CYS K 7 10.42 2.95 -14.89
CA CYS K 7 10.54 1.64 -14.26
C CYS K 7 11.97 1.12 -14.23
N THR K 8 13.02 1.84 -14.63
CA THR K 8 14.40 1.42 -14.46
C THR K 8 15.24 2.54 -13.83
N SER K 9 14.81 3.79 -13.98
CA SER K 9 15.52 4.88 -13.31
C SER K 9 14.42 5.62 -12.53
N ILE K 10 14.69 6.06 -11.32
CA ILE K 10 13.69 6.70 -10.48
C ILE K 10 13.11 7.98 -11.05
N CYS K 11 11.79 8.03 -11.21
CA CYS K 11 11.20 9.31 -11.60
C CYS K 11 10.84 10.03 -10.29
N SER K 12 11.31 11.28 -10.23
CA SER K 12 10.97 12.13 -9.12
C SER K 12 9.51 12.57 -9.25
N LEU K 13 8.99 13.03 -8.11
CA LEU K 13 7.64 13.54 -7.98
C LEU K 13 7.40 14.68 -8.96
N TYR K 14 8.43 15.47 -9.16
CA TYR K 14 8.12 16.59 -10.05
C TYR K 14 8.31 16.24 -11.54
N GLN K 15 9.01 15.22 -12.03
CA GLN K 15 8.86 14.64 -13.35
C GLN K 15 7.49 14.00 -13.61
N LEU K 16 7.01 13.30 -12.57
CA LEU K 16 5.71 12.62 -12.58
C LEU K 16 4.54 13.58 -12.69
N GLU K 17 4.75 14.82 -12.18
CA GLU K 17 3.69 15.83 -12.24
C GLU K 17 3.27 16.12 -13.66
N ASN K 18 4.10 15.85 -14.66
CA ASN K 18 3.88 15.93 -16.06
C ASN K 18 2.74 15.04 -16.57
N TYR K 19 2.37 13.99 -15.84
CA TYR K 19 1.36 13.07 -16.30
C TYR K 19 0.00 13.37 -15.71
N CYS K 20 -0.07 14.46 -14.94
CA CYS K 20 -1.31 14.88 -14.30
C CYS K 20 -2.22 15.51 -15.35
N ASN K 21 -3.50 15.67 -15.02
CA ASN K 21 -4.47 16.31 -15.88
C ASN K 21 -4.41 17.83 -15.85
N PHE L 1 7.96 -9.70 -16.74
CA PHE L 1 6.63 -9.12 -16.82
C PHE L 1 6.15 -8.62 -15.45
N VAL L 2 6.45 -9.41 -14.41
CA VAL L 2 5.93 -9.04 -13.10
C VAL L 2 6.54 -7.79 -12.51
N ASN L 3 7.84 -7.52 -12.73
CA ASN L 3 8.33 -6.31 -12.07
C ASN L 3 7.93 -5.04 -12.79
N GLN L 4 7.51 -5.05 -14.06
CA GLN L 4 6.95 -3.83 -14.64
C GLN L 4 5.56 -3.60 -14.01
N TYR L 5 4.91 -4.75 -13.80
CA TYR L 5 3.57 -4.77 -13.20
C TYR L 5 3.53 -4.17 -11.79
N LEU L 6 4.47 -4.58 -10.93
CA LEU L 6 4.64 -4.09 -9.58
C LEU L 6 5.04 -2.61 -9.60
N CYS L 7 5.97 -2.28 -10.53
CA CYS L 7 6.35 -0.86 -10.65
C CYS L 7 5.16 0.03 -10.95
N GLY L 8 4.27 -0.36 -11.86
CA GLY L 8 3.09 0.42 -12.24
C GLY L 8 2.18 0.66 -11.04
N SER L 9 2.10 -0.37 -10.19
CA SER L 9 1.31 -0.32 -8.96
C SER L 9 1.78 0.85 -8.08
N HIS L 10 3.10 1.04 -7.98
CA HIS L 10 3.62 2.14 -7.18
C HIS L 10 3.50 3.47 -7.92
N LEU L 11 3.65 3.44 -9.24
CA LEU L 11 3.47 4.64 -10.04
C LEU L 11 2.10 5.28 -9.81
N VAL L 12 1.04 4.50 -9.78
CA VAL L 12 -0.32 5.05 -9.57
C VAL L 12 -0.47 5.74 -8.24
N GLU L 13 0.17 5.22 -7.20
CA GLU L 13 0.15 5.82 -5.87
C GLU L 13 0.89 7.16 -5.90
N ALA L 14 2.03 7.28 -6.61
CA ALA L 14 2.73 8.58 -6.68
C ALA L 14 1.92 9.61 -7.44
N LEU L 15 1.28 9.14 -8.52
CA LEU L 15 0.42 10.03 -9.33
C LEU L 15 -0.75 10.56 -8.49
N TYR L 16 -1.34 9.66 -7.69
CA TYR L 16 -2.41 10.09 -6.79
C TYR L 16 -1.93 11.22 -5.88
N LEU L 17 -0.78 11.10 -5.25
CA LEU L 17 -0.24 12.14 -4.39
C LEU L 17 0.18 13.42 -5.14
N VAL L 18 0.90 13.37 -6.25
CA VAL L 18 1.39 14.58 -6.88
C VAL L 18 0.26 15.35 -7.59
N CYS L 19 -0.64 14.60 -8.22
CA CYS L 19 -1.70 15.22 -9.00
C CYS L 19 -2.84 15.80 -8.18
N GLY L 20 -3.04 15.28 -6.97
CA GLY L 20 -4.06 15.79 -6.07
C GLY L 20 -5.38 15.97 -6.79
N GLU L 21 -5.94 17.17 -6.64
CA GLU L 21 -7.11 17.84 -7.20
C GLU L 21 -7.35 17.51 -8.68
N ARG L 22 -6.27 17.59 -9.43
CA ARG L 22 -6.20 17.47 -10.87
C ARG L 22 -6.67 16.12 -11.42
N GLY L 23 -6.30 15.03 -10.72
CA GLY L 23 -6.64 13.71 -11.26
C GLY L 23 -5.63 13.38 -12.36
N PHE L 24 -5.80 12.21 -12.95
CA PHE L 24 -4.87 11.74 -13.98
C PHE L 24 -5.43 10.62 -14.80
N PHE L 25 -4.85 10.40 -15.98
CA PHE L 25 -5.20 9.27 -16.83
C PHE L 25 -4.04 8.29 -16.66
N TYR L 26 -4.25 6.99 -16.48
CA TYR L 26 -3.14 6.06 -16.37
C TYR L 26 -3.16 5.18 -17.60
N THR L 27 -2.17 5.25 -18.49
CA THR L 27 -2.20 4.34 -19.65
C THR L 27 -0.85 3.61 -19.73
N PRO L 28 -0.84 2.31 -19.44
CA PRO L 28 0.39 1.53 -19.44
C PRO L 28 1.05 1.50 -20.82
N LYS L 29 0.29 1.27 -21.89
CA LYS L 29 0.93 1.28 -23.20
C LYS L 29 0.42 2.43 -24.06
N THR L 30 1.25 3.45 -24.27
CA THR L 30 0.86 4.56 -25.15
C THR L 30 1.24 5.93 -24.57
#